data_8PBT
#
_entry.id   8PBT
#
_cell.length_a   82.067
_cell.length_b   158.720
_cell.length_c   61.115
_cell.angle_alpha   90.000
_cell.angle_beta   90.000
_cell.angle_gamma   90.000
#
_symmetry.space_group_name_H-M   'C 2 2 21'
#
loop_
_entity.id
_entity.type
_entity.pdbx_description
1 polymer 'CAD protein'
2 non-polymer GLYCEROL
3 non-polymer '(4S)-2,6-DIOXOHEXAHYDROPYRIMIDINE-4-CARBOXYLIC ACID'
4 non-polymer 'ZINC ION'
5 non-polymer 'FORMIC ACID'
6 water water
#
_entity_poly.entity_id   1
_entity_poly.type   'polypeptide(L)'
_entity_poly.pdbx_seq_one_letter_code
;KLVRLPGLIDVHVHLREPGGTHMEDFASGTAAALAGGITMVCAMPNTRPPIIDAPALALAQKLAEAGARCDFALFLGASS
ENAGTLGTVAGSAAGL(KCX)LYLNETFSELRLDSVVQWMEHFETWPSHLPIVAHAEQQTVAAVLMVAQLTQRSVHICHV
ARKEEILLIKAAKARGLPVTCEVAPHHLFLSHDDLERLGPGKGEVRPELGSRQDVEALWENMAVIDCFASDHAPHTLEEK
CGSRPPPGFPGLETMLPLLLTAVSEGRLSLDDLLQRLHHNPRRIFHLPPQEDTYVEVDLEHEWTIPSHMPFSKAHWTPFE
GQKVKGTVRRVVLRGEVAYIDGQVLVPPGYGQDVRKWPQGAVPQLP
;
_entity_poly.pdbx_strand_id   A
#
loop_
_chem_comp.id
_chem_comp.type
_chem_comp.name
_chem_comp.formula
DOR non-polymer '(4S)-2,6-DIOXOHEXAHYDROPYRIMIDINE-4-CARBOXYLIC ACID' 'C5 H6 N2 O4'
FMT non-polymer 'FORMIC ACID' 'C H2 O2'
GOL non-polymer GLYCEROL 'C3 H8 O3'
ZN non-polymer 'ZINC ION' 'Zn 2'
#
# COMPACT_ATOMS: atom_id res chain seq x y z
N LYS A 1 29.83 5.08 -1.13
CA LYS A 1 28.93 6.19 -1.43
C LYS A 1 27.47 5.79 -1.25
N LEU A 2 27.11 5.38 -0.05
CA LEU A 2 25.76 4.94 0.26
C LEU A 2 24.96 6.08 0.87
N VAL A 3 23.66 6.08 0.59
CA VAL A 3 22.75 7.08 1.12
C VAL A 3 21.90 6.42 2.20
N ARG A 4 21.83 7.08 3.36
CA ARG A 4 21.04 6.59 4.47
C ARG A 4 19.66 7.21 4.41
N LEU A 5 18.67 6.36 4.32
CA LEU A 5 17.27 6.77 4.36
C LEU A 5 16.67 6.28 5.66
N PRO A 6 15.59 6.89 6.10
CA PRO A 6 14.88 6.35 7.27
C PRO A 6 14.12 5.09 6.90
N GLY A 7 13.53 4.46 7.91
CA GLY A 7 12.66 3.33 7.66
C GLY A 7 11.45 3.71 6.83
N LEU A 8 11.35 3.13 5.64
CA LEU A 8 10.26 3.47 4.72
C LEU A 8 9.01 2.66 5.02
N ILE A 9 7.84 3.26 4.71
CA ILE A 9 6.55 2.72 5.08
C ILE A 9 5.75 2.51 3.81
N ASP A 10 5.16 1.32 3.65
CA ASP A 10 4.24 1.03 2.55
C ASP A 10 2.87 0.82 3.16
N VAL A 11 1.96 1.77 2.93
CA VAL A 11 0.64 1.71 3.55
C VAL A 11 -0.35 0.87 2.77
N HIS A 12 0.08 0.13 1.74
CA HIS A 12 -0.90 -0.64 0.97
C HIS A 12 -0.28 -1.92 0.42
N VAL A 13 -0.42 -3.00 1.19
CA VAL A 13 0.09 -4.29 0.73
C VAL A 13 -0.95 -5.37 0.98
N HIS A 14 -0.89 -6.41 0.16
CA HIS A 14 -1.72 -7.59 0.30
C HIS A 14 -0.79 -8.77 0.57
N LEU A 15 -0.82 -9.31 1.77
CA LEU A 15 0.11 -10.38 2.14
C LEU A 15 -0.53 -11.76 2.19
N ARG A 16 -1.81 -11.89 1.88
CA ARG A 16 -2.49 -13.17 1.61
C ARG A 16 -2.55 -14.11 2.81
N GLU A 17 -2.41 -13.59 4.02
CA GLU A 17 -2.52 -14.39 5.23
C GLU A 17 -3.45 -13.63 6.18
N PRO A 18 -4.50 -14.26 6.71
CA PRO A 18 -4.88 -15.69 6.54
C PRO A 18 -5.32 -16.03 5.12
N GLY A 19 -5.18 -17.30 4.75
CA GLY A 19 -5.46 -17.73 3.41
C GLY A 19 -4.78 -19.06 3.13
N GLY A 20 -5.36 -19.88 2.26
CA GLY A 20 -4.78 -21.17 1.97
C GLY A 20 -4.44 -21.37 0.51
N THR A 21 -4.83 -20.41 -0.34
CA THR A 21 -4.73 -20.58 -1.78
C THR A 21 -3.48 -19.95 -2.37
N HIS A 22 -2.93 -18.92 -1.75
CA HIS A 22 -1.79 -18.23 -2.31
C HIS A 22 -0.49 -18.71 -1.71
N MET A 23 0.61 -18.41 -2.41
CA MET A 23 1.93 -18.75 -1.92
C MET A 23 2.45 -17.70 -0.93
N GLU A 24 2.23 -16.42 -1.21
CA GLU A 24 2.72 -15.39 -0.32
C GLU A 24 2.09 -15.53 1.06
N ASP A 25 2.87 -15.21 2.10
CA ASP A 25 2.32 -15.09 3.45
C ASP A 25 3.03 -13.93 4.11
N PHE A 26 2.80 -13.74 5.41
CA PHE A 26 3.44 -12.64 6.12
C PHE A 26 4.96 -12.76 6.07
N ALA A 27 5.48 -13.98 6.22
CA ALA A 27 6.93 -14.14 6.22
C ALA A 27 7.53 -13.82 4.87
N SER A 28 6.93 -14.29 3.77
CA SER A 28 7.54 -14.02 2.48
C SER A 28 7.29 -12.59 2.03
N GLY A 29 6.09 -12.07 2.30
CA GLY A 29 5.79 -10.72 1.88
C GLY A 29 6.63 -9.70 2.62
N THR A 30 6.89 -9.93 3.90
CA THR A 30 7.72 -8.99 4.64
C THR A 30 9.20 -9.15 4.31
N ALA A 31 9.64 -10.34 3.91
CA ALA A 31 10.97 -10.45 3.34
C ALA A 31 11.10 -9.61 2.09
N ALA A 32 10.08 -9.66 1.23
CA ALA A 32 10.05 -8.79 0.06
C ALA A 32 10.07 -7.32 0.45
N ALA A 33 9.34 -6.95 1.50
CA ALA A 33 9.35 -5.56 1.94
C ALA A 33 10.75 -5.13 2.33
N LEU A 34 11.42 -5.93 3.17
CA LEU A 34 12.77 -5.58 3.61
C LEU A 34 13.72 -5.46 2.43
N ALA A 35 13.62 -6.37 1.47
CA ALA A 35 14.50 -6.31 0.30
C ALA A 35 14.22 -5.07 -0.56
N GLY A 36 13.02 -4.50 -0.44
CA GLY A 36 12.72 -3.25 -1.09
C GLY A 36 12.94 -2.02 -0.24
N GLY A 37 13.59 -2.16 0.90
CA GLY A 37 13.86 -1.01 1.73
C GLY A 37 12.69 -0.54 2.56
N ILE A 38 11.69 -1.40 2.77
N ILE A 38 11.71 -1.40 2.81
CA ILE A 38 10.49 -1.06 3.52
CA ILE A 38 10.49 -1.06 3.53
C ILE A 38 10.58 -1.74 4.88
C ILE A 38 10.51 -1.75 4.89
N THR A 39 10.37 -0.97 5.96
CA THR A 39 10.46 -1.50 7.32
C THR A 39 9.14 -1.57 8.08
N MET A 40 8.06 -1.03 7.53
CA MET A 40 6.72 -1.08 8.03
C MET A 40 5.73 -1.20 6.89
N VAL A 41 4.74 -2.08 7.04
CA VAL A 41 3.70 -2.26 6.05
C VAL A 41 2.34 -2.20 6.72
N CYS A 42 1.35 -1.72 5.97
CA CYS A 42 -0.05 -1.83 6.38
C CYS A 42 -0.74 -2.81 5.44
N ALA A 43 -1.26 -3.90 6.01
CA ALA A 43 -1.82 -4.99 5.23
C ALA A 43 -3.34 -4.89 5.09
N MET A 44 -3.80 -5.06 3.87
CA MET A 44 -5.21 -4.94 3.52
C MET A 44 -6.04 -6.14 3.94
N PRO A 45 -7.34 -5.94 4.12
CA PRO A 45 -8.18 -6.94 4.80
C PRO A 45 -8.88 -7.94 3.90
N ASN A 46 -8.60 -7.95 2.61
CA ASN A 46 -9.29 -8.82 1.67
C ASN A 46 -8.67 -10.20 1.62
N THR A 47 -8.33 -10.74 2.79
CA THR A 47 -7.78 -12.07 2.97
C THR A 47 -8.90 -13.09 3.00
N ARG A 48 -8.56 -14.35 3.27
CA ARG A 48 -9.53 -15.45 3.34
C ARG A 48 -9.33 -16.20 4.66
N PRO A 49 -10.18 -15.97 5.68
CA PRO A 49 -11.34 -15.07 5.70
C PRO A 49 -10.93 -13.60 5.67
N PRO A 50 -11.81 -12.72 5.21
CA PRO A 50 -11.49 -11.29 5.24
C PRO A 50 -11.58 -10.74 6.65
N ILE A 51 -10.85 -9.65 6.87
CA ILE A 51 -10.70 -9.10 8.22
C ILE A 51 -11.84 -8.11 8.41
N ILE A 52 -13.02 -8.65 8.68
CA ILE A 52 -14.24 -7.86 8.75
C ILE A 52 -14.93 -7.97 10.09
N ASP A 53 -14.30 -8.64 11.06
CA ASP A 53 -14.85 -8.73 12.40
C ASP A 53 -13.72 -8.95 13.39
N ALA A 54 -14.07 -8.86 14.67
CA ALA A 54 -13.05 -8.96 15.70
C ALA A 54 -12.37 -10.33 15.71
N PRO A 55 -13.08 -11.45 15.58
CA PRO A 55 -12.36 -12.73 15.57
C PRO A 55 -11.36 -12.84 14.43
N ALA A 56 -11.72 -12.35 13.24
CA ALA A 56 -10.79 -12.44 12.11
C ALA A 56 -9.56 -11.56 12.33
N LEU A 57 -9.77 -10.35 12.87
CA LEU A 57 -8.64 -9.49 13.18
C LEU A 57 -7.71 -10.13 14.21
N ALA A 58 -8.29 -10.75 15.23
CA ALA A 58 -7.47 -11.42 16.25
C ALA A 58 -6.62 -12.51 15.65
N LEU A 59 -7.21 -13.33 14.78
CA LEU A 59 -6.45 -14.36 14.07
C LEU A 59 -5.33 -13.73 13.26
N ALA A 60 -5.66 -12.72 12.46
CA ALA A 60 -4.67 -12.12 11.58
C ALA A 60 -3.54 -11.50 12.37
N GLN A 61 -3.87 -10.88 13.50
CA GLN A 61 -2.85 -10.27 14.36
C GLN A 61 -1.83 -11.32 14.81
N LYS A 62 -2.30 -12.50 15.24
CA LYS A 62 -1.38 -13.53 15.72
C LYS A 62 -0.57 -14.11 14.56
N LEU A 63 -1.19 -14.32 13.41
CA LEU A 63 -0.43 -14.80 12.27
C LEU A 63 0.65 -13.81 11.87
N ALA A 64 0.32 -12.52 11.89
CA ALA A 64 1.32 -11.52 11.55
C ALA A 64 2.42 -11.43 12.61
N GLU A 65 2.05 -11.48 13.89
CA GLU A 65 3.08 -11.45 14.93
C GLU A 65 4.04 -12.62 14.83
N ALA A 66 3.57 -13.76 14.34
CA ALA A 66 4.41 -14.94 14.23
C ALA A 66 5.16 -15.03 12.92
N GLY A 67 4.66 -14.39 11.86
CA GLY A 67 5.26 -14.49 10.55
C GLY A 67 6.00 -13.25 10.09
N ALA A 68 5.58 -12.06 10.52
CA ALA A 68 6.13 -10.83 9.96
C ALA A 68 7.61 -10.68 10.34
N ARG A 69 8.41 -10.23 9.38
CA ARG A 69 9.81 -9.91 9.59
C ARG A 69 10.09 -8.43 9.69
N CYS A 70 9.15 -7.59 9.27
CA CYS A 70 9.16 -6.16 9.52
C CYS A 70 7.90 -5.79 10.28
N ASP A 71 7.82 -4.53 10.71
CA ASP A 71 6.70 -4.10 11.53
C ASP A 71 5.49 -3.84 10.66
N PHE A 72 4.32 -3.84 11.28
CA PHE A 72 3.10 -3.81 10.50
C PHE A 72 1.94 -3.24 11.29
N ALA A 73 0.91 -2.87 10.54
CA ALA A 73 -0.41 -2.62 11.08
C ALA A 73 -1.40 -3.28 10.14
N LEU A 74 -2.54 -3.69 10.66
CA LEU A 74 -3.53 -4.43 9.89
C LEU A 74 -4.81 -3.62 9.73
N PHE A 75 -5.27 -3.48 8.49
CA PHE A 75 -6.54 -2.83 8.23
C PHE A 75 -7.72 -3.73 8.59
N LEU A 76 -8.80 -3.10 9.04
CA LEU A 76 -10.12 -3.69 9.02
C LEU A 76 -10.79 -3.36 7.69
N GLY A 77 -11.71 -4.23 7.27
CA GLY A 77 -12.47 -4.04 6.04
C GLY A 77 -13.93 -3.79 6.33
N ALA A 78 -14.51 -2.83 5.60
CA ALA A 78 -15.92 -2.55 5.71
C ALA A 78 -16.73 -3.62 4.99
N SER A 79 -17.85 -4.03 5.59
CA SER A 79 -18.78 -4.94 4.96
C SER A 79 -20.19 -4.39 5.05
N SER A 80 -21.12 -5.09 4.42
CA SER A 80 -22.51 -4.71 4.48
C SER A 80 -23.16 -5.02 5.82
N GLU A 81 -22.44 -5.66 6.75
CA GLU A 81 -23.00 -6.09 8.02
CA GLU A 81 -23.00 -6.09 8.02
C GLU A 81 -22.28 -5.54 9.24
N ASN A 82 -21.11 -4.91 9.09
CA ASN A 82 -20.30 -4.60 10.25
C ASN A 82 -20.27 -3.15 10.69
N ALA A 83 -20.95 -2.23 9.99
CA ALA A 83 -20.99 -0.86 10.50
C ALA A 83 -21.59 -0.83 11.90
N GLY A 84 -20.92 -0.11 12.80
CA GLY A 84 -21.37 0.01 14.16
C GLY A 84 -20.97 -1.12 15.07
N THR A 85 -20.22 -2.10 14.57
CA THR A 85 -19.80 -3.24 15.36
C THR A 85 -18.31 -3.26 15.66
N LEU A 86 -17.53 -2.34 15.11
CA LEU A 86 -16.07 -2.40 15.18
C LEU A 86 -15.48 -1.46 16.21
N GLY A 87 -16.31 -0.79 17.01
CA GLY A 87 -15.80 0.27 17.86
C GLY A 87 -14.75 -0.19 18.85
N THR A 88 -14.90 -1.39 19.39
CA THR A 88 -13.97 -1.84 20.42
C THR A 88 -12.60 -2.19 19.87
N VAL A 89 -12.52 -2.66 18.62
CA VAL A 89 -11.23 -3.04 18.01
C VAL A 89 -10.71 -1.98 17.04
N ALA A 90 -11.48 -0.95 16.74
CA ALA A 90 -11.11 -0.03 15.67
C ALA A 90 -9.73 0.56 15.88
N GLY A 91 -9.41 0.99 17.11
CA GLY A 91 -8.14 1.63 17.34
C GLY A 91 -6.93 0.71 17.27
N SER A 92 -7.15 -0.60 17.24
CA SER A 92 -6.06 -1.55 17.09
CA SER A 92 -6.07 -1.56 17.09
C SER A 92 -5.70 -1.79 15.63
N ALA A 93 -6.49 -1.29 14.68
CA ALA A 93 -6.26 -1.51 13.27
C ALA A 93 -5.53 -0.32 12.69
N ALA A 94 -4.93 -0.54 11.53
CA ALA A 94 -4.34 0.57 10.77
C ALA A 94 -5.40 1.62 10.45
N GLY A 95 -6.61 1.17 10.14
CA GLY A 95 -7.70 2.01 9.68
C GLY A 95 -8.79 1.11 9.15
N LEU A 96 -9.79 1.74 8.52
CA LEU A 96 -10.88 1.01 7.89
C LEU A 96 -10.73 1.19 6.38
N KCX A 97 -10.78 0.09 5.67
CA KCX A 97 -10.72 0.05 4.22
CB KCX A 97 -9.73 -1.02 3.75
CG KCX A 97 -9.73 -1.30 2.28
CD KCX A 97 -9.10 -0.13 1.50
CE KCX A 97 -8.92 -0.38 0.00
NZ KCX A 97 -8.04 -1.55 -0.22
C KCX A 97 -12.10 -0.23 3.64
O KCX A 97 -12.75 -1.20 3.99
CX KCX A 97 -7.60 -1.92 -1.41
OQ1 KCX A 97 -7.94 -1.22 -2.42
OQ2 KCX A 97 -6.90 -2.99 -1.48
HA KCX A 97 -10.44 0.80 3.93
HB2 KCX A 97 -9.94 -1.75 4.14
HB3 KCX A 97 -8.95 -0.78 3.97
HG2 KCX A 97 -10.52 -1.40 2.01
HG3 KCX A 97 -9.26 -1.99 2.13
HD2 KCX A 97 -8.33 0.04 1.83
HD3 KCX A 97 -9.60 0.56 1.58
HE2 KCX A 97 -8.55 0.30 -0.36
HE3 KCX A 97 -9.66 -0.53 -0.36
HZ KCX A 97 -7.81 -2.01 0.46
N LEU A 98 -12.51 0.64 2.74
CA LEU A 98 -13.73 0.46 1.95
C LEU A 98 -13.37 0.07 0.53
N TYR A 99 -13.92 -1.04 0.05
CA TYR A 99 -13.80 -1.47 -1.35
C TYR A 99 -15.07 -1.01 -2.06
N LEU A 100 -14.95 0.06 -2.84
CA LEU A 100 -16.13 0.70 -3.41
C LEU A 100 -16.37 0.33 -4.86
N ASN A 101 -15.44 -0.37 -5.48
CA ASN A 101 -15.61 -0.87 -6.84
C ASN A 101 -15.62 -2.39 -6.75
N GLU A 102 -14.98 -3.09 -7.69
CA GLU A 102 -15.04 -4.55 -7.70
C GLU A 102 -14.29 -5.15 -6.51
N THR A 103 -14.84 -6.23 -5.97
CA THR A 103 -14.23 -6.96 -4.86
C THR A 103 -15.03 -8.23 -4.66
N PHE A 104 -14.65 -8.99 -3.64
CA PHE A 104 -15.34 -10.24 -3.33
C PHE A 104 -16.60 -9.98 -2.51
N SER A 105 -17.52 -10.93 -2.55
CA SER A 105 -18.84 -10.80 -1.96
C SER A 105 -18.80 -10.20 -0.56
N GLU A 106 -17.87 -10.66 0.27
CA GLU A 106 -17.90 -10.29 1.68
C GLU A 106 -17.60 -8.81 1.89
N LEU A 107 -16.84 -8.18 0.99
CA LEU A 107 -16.48 -6.77 1.14
C LEU A 107 -17.33 -5.85 0.26
N ARG A 108 -18.28 -6.38 -0.47
CA ARG A 108 -19.08 -5.59 -1.39
C ARG A 108 -20.08 -4.75 -0.62
N LEU A 109 -20.09 -3.46 -0.91
CA LEU A 109 -21.13 -2.55 -0.43
C LEU A 109 -22.04 -2.28 -1.61
N ASP A 110 -23.34 -2.43 -1.39
CA ASP A 110 -24.30 -2.31 -2.49
C ASP A 110 -24.97 -0.95 -2.54
N SER A 111 -24.75 -0.09 -1.56
CA SER A 111 -25.41 1.20 -1.55
C SER A 111 -24.51 2.24 -0.94
N VAL A 112 -24.56 3.46 -1.48
CA VAL A 112 -23.85 4.57 -0.85
CA VAL A 112 -23.84 4.56 -0.85
C VAL A 112 -24.33 4.78 0.58
N VAL A 113 -25.56 4.36 0.90
CA VAL A 113 -26.02 4.49 2.29
C VAL A 113 -25.13 3.66 3.22
N GLN A 114 -24.66 2.51 2.75
CA GLN A 114 -23.72 1.73 3.55
C GLN A 114 -22.40 2.46 3.73
N TRP A 115 -21.95 3.21 2.72
CA TRP A 115 -20.73 4.00 2.93
C TRP A 115 -20.97 5.05 4.00
N MET A 116 -22.11 5.75 3.92
N MET A 116 -22.12 5.74 3.93
CA MET A 116 -22.47 6.74 4.93
CA MET A 116 -22.44 6.74 4.93
C MET A 116 -22.44 6.13 6.31
C MET A 116 -22.46 6.14 6.32
N GLU A 117 -23.02 4.94 6.47
CA GLU A 117 -23.11 4.31 7.77
C GLU A 117 -21.73 4.03 8.35
N HIS A 118 -20.79 3.62 7.50
CA HIS A 118 -19.42 3.41 7.97
C HIS A 118 -18.77 4.73 8.37
N PHE A 119 -18.91 5.77 7.54
CA PHE A 119 -18.34 7.07 7.90
C PHE A 119 -18.94 7.62 9.19
N GLU A 120 -20.21 7.31 9.47
CA GLU A 120 -20.88 7.80 10.67
C GLU A 120 -20.51 7.02 11.92
N THR A 121 -20.19 5.73 11.79
CA THR A 121 -19.98 4.86 12.95
C THR A 121 -18.51 4.59 13.26
N TRP A 122 -17.64 4.49 12.26
CA TRP A 122 -16.21 4.35 12.53
C TRP A 122 -15.73 5.54 13.34
N PRO A 123 -14.88 5.33 14.35
CA PRO A 123 -14.46 6.48 15.18
C PRO A 123 -13.84 7.59 14.34
N SER A 124 -14.26 8.81 14.63
CA SER A 124 -13.98 9.92 13.72
C SER A 124 -12.49 10.23 13.62
N HIS A 125 -11.70 9.86 14.62
CA HIS A 125 -10.28 10.17 14.64
C HIS A 125 -9.44 9.12 13.94
N LEU A 126 -10.03 8.01 13.47
CA LEU A 126 -9.24 6.93 12.91
C LEU A 126 -9.29 6.96 11.38
N PRO A 127 -8.23 6.48 10.73
CA PRO A 127 -8.15 6.58 9.27
C PRO A 127 -9.24 5.78 8.55
N ILE A 128 -9.73 6.35 7.45
CA ILE A 128 -10.54 5.62 6.49
C ILE A 128 -9.89 5.76 5.13
N VAL A 129 -9.74 4.63 4.44
CA VAL A 129 -9.12 4.60 3.12
C VAL A 129 -10.13 3.93 2.20
N ALA A 130 -10.14 4.33 0.92
CA ALA A 130 -11.08 3.74 0.00
C ALA A 130 -10.41 3.40 -1.32
N HIS A 131 -10.76 2.21 -1.83
CA HIS A 131 -10.56 1.85 -3.24
C HIS A 131 -11.71 2.47 -3.99
N ALA A 132 -11.43 3.54 -4.75
CA ALA A 132 -12.46 4.38 -5.34
C ALA A 132 -11.93 4.89 -6.67
N GLU A 133 -12.47 4.39 -7.75
CA GLU A 133 -11.98 4.73 -9.08
C GLU A 133 -12.93 5.67 -9.79
N GLN A 134 -12.35 6.57 -10.57
CA GLN A 134 -13.12 7.45 -11.46
C GLN A 134 -14.20 8.16 -10.66
N GLN A 135 -15.47 8.05 -11.07
CA GLN A 135 -16.48 8.86 -10.40
C GLN A 135 -16.63 8.48 -8.95
N THR A 136 -16.22 7.26 -8.59
CA THR A 136 -16.31 6.81 -7.21
C THR A 136 -15.47 7.69 -6.29
N VAL A 137 -14.41 8.30 -6.80
CA VAL A 137 -13.62 9.25 -6.00
CA VAL A 137 -13.65 9.20 -5.95
C VAL A 137 -14.50 10.41 -5.58
N ALA A 138 -15.23 10.99 -6.56
CA ALA A 138 -16.12 12.09 -6.25
C ALA A 138 -17.23 11.65 -5.31
N ALA A 139 -17.78 10.44 -5.51
CA ALA A 139 -18.85 9.97 -4.65
C ALA A 139 -18.39 9.80 -3.20
N VAL A 140 -17.20 9.22 -2.97
CA VAL A 140 -16.76 9.02 -1.59
C VAL A 140 -16.36 10.34 -0.96
N LEU A 141 -15.84 11.28 -1.76
CA LEU A 141 -15.58 12.62 -1.25
C LEU A 141 -16.86 13.29 -0.78
N MET A 142 -17.97 13.06 -1.49
CA MET A 142 -19.21 13.66 -1.06
C MET A 142 -19.65 13.06 0.28
N VAL A 143 -19.55 11.74 0.42
CA VAL A 143 -19.91 11.10 1.69
C VAL A 143 -19.04 11.61 2.83
N ALA A 144 -17.74 11.77 2.57
CA ALA A 144 -16.84 12.33 3.59
C ALA A 144 -17.29 13.71 4.01
N GLN A 145 -17.73 14.54 3.05
CA GLN A 145 -18.13 15.89 3.42
C GLN A 145 -19.46 15.87 4.18
N LEU A 146 -20.38 14.99 3.75
CA LEU A 146 -21.66 14.90 4.43
C LEU A 146 -21.47 14.51 5.89
N THR A 147 -20.44 13.71 6.16
CA THR A 147 -20.16 13.25 7.52
C THR A 147 -19.04 14.06 8.20
N GLN A 148 -18.51 15.08 7.51
CA GLN A 148 -17.56 16.05 8.07
CA GLN A 148 -17.55 16.06 8.05
C GLN A 148 -16.28 15.39 8.58
N ARG A 149 -15.66 14.59 7.73
CA ARG A 149 -14.41 13.94 8.11
C ARG A 149 -13.54 13.71 6.88
N SER A 150 -12.34 13.20 7.11
CA SER A 150 -11.35 13.00 6.06
C SER A 150 -11.52 11.64 5.38
N VAL A 151 -10.86 11.51 4.23
CA VAL A 151 -10.75 10.24 3.53
C VAL A 151 -9.41 10.22 2.79
N HIS A 152 -8.83 9.02 2.71
CA HIS A 152 -7.62 8.78 1.92
C HIS A 152 -7.99 7.90 0.74
N ILE A 153 -7.57 8.29 -0.46
CA ILE A 153 -7.90 7.56 -1.67
C ILE A 153 -6.72 6.69 -2.06
N CYS A 154 -6.94 5.39 -2.15
CA CYS A 154 -5.88 4.47 -2.52
C CYS A 154 -5.60 4.56 -4.02
N HIS A 155 -4.39 4.14 -4.38
CA HIS A 155 -3.90 4.01 -5.76
C HIS A 155 -4.64 4.87 -6.79
N VAL A 156 -4.32 6.15 -6.79
CA VAL A 156 -4.84 7.03 -7.82
C VAL A 156 -4.09 6.73 -9.11
N ALA A 157 -4.84 6.55 -10.19
CA ALA A 157 -4.28 5.97 -11.41
C ALA A 157 -4.57 6.76 -12.68
N ARG A 158 -5.38 7.82 -12.60
CA ARG A 158 -5.88 8.48 -13.78
C ARG A 158 -5.77 10.00 -13.64
N LYS A 159 -5.58 10.64 -14.79
CA LYS A 159 -5.67 12.10 -14.85
C LYS A 159 -6.98 12.60 -14.22
N GLU A 160 -8.10 11.97 -14.57
CA GLU A 160 -9.40 12.33 -14.02
C GLU A 160 -9.39 12.37 -12.51
N GLU A 161 -8.79 11.36 -11.90
CA GLU A 161 -8.84 11.22 -10.45
C GLU A 161 -7.92 12.23 -9.77
N ILE A 162 -6.71 12.40 -10.29
CA ILE A 162 -5.77 13.31 -9.64
C ILE A 162 -6.24 14.75 -9.78
N LEU A 163 -6.88 15.10 -10.91
CA LEU A 163 -7.41 16.45 -11.05
C LEU A 163 -8.62 16.69 -10.16
N LEU A 164 -9.46 15.66 -9.96
CA LEU A 164 -10.55 15.80 -9.00
C LEU A 164 -10.02 16.06 -7.60
N ILE A 165 -9.04 15.26 -7.17
CA ILE A 165 -8.46 15.44 -5.86
C ILE A 165 -7.78 16.79 -5.74
N LYS A 166 -7.09 17.23 -6.80
CA LYS A 166 -6.48 18.55 -6.79
CA LYS A 166 -6.49 18.55 -6.82
C LYS A 166 -7.53 19.63 -6.57
N ALA A 167 -8.68 19.53 -7.25
CA ALA A 167 -9.74 20.51 -7.06
C ALA A 167 -10.29 20.48 -5.65
N ALA A 168 -10.43 19.27 -5.06
CA ALA A 168 -10.91 19.16 -3.68
C ALA A 168 -9.93 19.80 -2.69
N LYS A 169 -8.62 19.58 -2.91
CA LYS A 169 -7.62 20.19 -2.05
C LYS A 169 -7.61 21.71 -2.18
N ALA A 170 -7.88 22.21 -3.39
CA ALA A 170 -7.93 23.66 -3.55
C ALA A 170 -9.10 24.27 -2.80
N ARG A 171 -10.16 23.50 -2.55
CA ARG A 171 -11.31 23.94 -1.76
C ARG A 171 -11.15 23.64 -0.28
N GLY A 172 -9.96 23.18 0.14
CA GLY A 172 -9.69 22.94 1.54
C GLY A 172 -10.27 21.66 2.10
N LEU A 173 -10.64 20.73 1.26
CA LEU A 173 -11.29 19.52 1.75
C LEU A 173 -10.24 18.55 2.28
N PRO A 174 -10.54 17.82 3.34
CA PRO A 174 -9.55 16.93 3.98
C PRO A 174 -9.50 15.59 3.25
N VAL A 175 -8.75 15.57 2.16
CA VAL A 175 -8.54 14.37 1.38
C VAL A 175 -7.03 14.21 1.15
N THR A 176 -6.55 12.97 1.29
CA THR A 176 -5.18 12.64 0.89
C THR A 176 -5.24 11.48 -0.09
N CYS A 177 -4.12 11.19 -0.73
CA CYS A 177 -4.10 10.11 -1.68
C CYS A 177 -2.71 9.49 -1.82
N GLU A 178 -2.69 8.33 -2.46
CA GLU A 178 -1.47 7.61 -2.74
C GLU A 178 -1.48 7.21 -4.20
N VAL A 179 -0.28 6.97 -4.74
CA VAL A 179 -0.11 6.44 -6.09
C VAL A 179 0.88 5.28 -6.05
N ALA A 180 0.61 4.29 -6.80
CA ALA A 180 1.42 3.09 -6.90
C ALA A 180 2.42 3.16 -8.05
N PRO A 181 3.54 2.44 -7.97
CA PRO A 181 4.56 2.58 -9.01
C PRO A 181 4.11 2.14 -10.39
N HIS A 182 3.23 1.14 -10.49
CA HIS A 182 2.80 0.72 -11.82
C HIS A 182 2.02 1.81 -12.53
N HIS A 183 1.43 2.76 -11.81
CA HIS A 183 0.72 3.84 -12.48
C HIS A 183 1.62 5.02 -12.82
N LEU A 184 2.87 4.98 -12.36
CA LEU A 184 3.88 5.97 -12.73
C LEU A 184 4.88 5.47 -13.77
N PHE A 185 5.07 4.15 -13.88
CA PHE A 185 6.13 3.59 -14.70
C PHE A 185 5.64 2.59 -15.74
N LEU A 186 4.35 2.32 -15.80
CA LEU A 186 3.73 1.48 -16.83
C LEU A 186 2.50 2.21 -17.36
N SER A 187 2.12 1.86 -18.59
CA SER A 187 0.96 2.45 -19.24
C SER A 187 0.39 1.47 -20.24
N HIS A 188 -0.66 1.89 -20.95
CA HIS A 188 -1.19 1.09 -22.04
C HIS A 188 -0.10 0.62 -22.99
N ASP A 189 0.94 1.45 -23.18
CA ASP A 189 1.99 1.08 -24.13
C ASP A 189 2.65 -0.23 -23.77
N ASP A 190 2.54 -0.65 -22.51
CA ASP A 190 3.17 -1.86 -22.02
C ASP A 190 2.26 -3.08 -22.12
N LEU A 191 0.99 -2.91 -22.48
CA LEU A 191 0.07 -4.04 -22.51
C LEU A 191 0.43 -5.01 -23.63
N GLU A 192 1.02 -4.52 -24.72
CA GLU A 192 1.52 -5.41 -25.76
C GLU A 192 2.52 -6.40 -25.17
N ARG A 193 3.50 -5.90 -24.43
CA ARG A 193 4.50 -6.78 -23.84
C ARG A 193 3.89 -7.66 -22.75
N LEU A 194 3.07 -7.09 -21.87
CA LEU A 194 2.59 -7.86 -20.74
C LEU A 194 1.55 -8.90 -21.14
N GLY A 195 0.74 -8.62 -22.15
CA GLY A 195 -0.38 -9.46 -22.47
C GLY A 195 -1.56 -9.18 -21.55
N PRO A 196 -2.74 -9.65 -21.95
CA PRO A 196 -3.95 -9.32 -21.18
C PRO A 196 -4.02 -9.96 -19.80
N GLY A 197 -3.36 -11.10 -19.59
CA GLY A 197 -3.41 -11.75 -18.30
C GLY A 197 -2.52 -11.07 -17.27
N LYS A 198 -1.22 -11.01 -17.57
CA LYS A 198 -0.31 -10.31 -16.67
C LYS A 198 -0.69 -8.85 -16.50
N GLY A 199 -1.24 -8.23 -17.54
CA GLY A 199 -1.55 -6.81 -17.47
C GLY A 199 -2.75 -6.47 -16.61
N GLU A 200 -3.50 -7.45 -16.16
CA GLU A 200 -4.72 -7.20 -15.39
C GLU A 200 -4.38 -6.63 -14.03
N VAL A 201 -4.91 -5.44 -13.73
CA VAL A 201 -4.73 -4.80 -12.43
C VAL A 201 -5.89 -3.85 -12.25
N ARG A 202 -6.22 -3.56 -10.99
CA ARG A 202 -7.31 -2.62 -10.67
C ARG A 202 -6.79 -1.63 -9.65
N PRO A 203 -6.75 -0.33 -9.94
CA PRO A 203 -7.12 0.30 -11.20
C PRO A 203 -6.24 -0.17 -12.35
N GLU A 204 -6.80 -0.18 -13.55
CA GLU A 204 -6.10 -0.66 -14.73
C GLU A 204 -4.94 0.28 -15.08
N LEU A 205 -4.02 -0.21 -15.90
CA LEU A 205 -2.97 0.65 -16.39
C LEU A 205 -3.60 1.80 -17.17
N GLY A 206 -3.03 2.99 -16.99
CA GLY A 206 -3.54 4.18 -17.62
C GLY A 206 -2.90 4.45 -18.98
N SER A 207 -3.44 5.46 -19.64
CA SER A 207 -2.84 5.94 -20.87
C SER A 207 -1.55 6.71 -20.57
N ARG A 208 -0.76 6.96 -21.63
CA ARG A 208 0.39 7.84 -21.48
C ARG A 208 -0.03 9.16 -20.83
N GLN A 209 -1.22 9.66 -21.18
CA GLN A 209 -1.69 10.95 -20.65
C GLN A 209 -2.03 10.85 -19.17
N ASP A 210 -2.57 9.71 -18.74
CA ASP A 210 -2.77 9.46 -17.32
C ASP A 210 -1.44 9.50 -16.57
N VAL A 211 -0.44 8.78 -17.08
CA VAL A 211 0.85 8.74 -16.42
C VAL A 211 1.46 10.13 -16.36
N GLU A 212 1.42 10.85 -17.48
CA GLU A 212 1.97 12.20 -17.54
C GLU A 212 1.28 13.10 -16.52
N ALA A 213 -0.03 12.95 -16.37
CA ALA A 213 -0.79 13.78 -15.45
C ALA A 213 -0.41 13.51 -14.00
N LEU A 214 -0.11 12.25 -13.66
CA LEU A 214 0.28 11.98 -12.28
C LEU A 214 1.64 12.61 -11.97
N TRP A 215 2.60 12.49 -12.89
CA TRP A 215 3.89 13.14 -12.69
C TRP A 215 3.74 14.65 -12.61
N GLU A 216 2.98 15.24 -13.53
CA GLU A 216 2.79 16.70 -13.54
C GLU A 216 2.17 17.17 -12.24
N ASN A 217 1.34 16.34 -11.62
CA ASN A 217 0.63 16.68 -10.39
C ASN A 217 1.21 15.97 -9.18
N MET A 218 2.52 15.80 -9.17
CA MET A 218 3.16 15.17 -8.02
C MET A 218 2.82 15.89 -6.73
N ALA A 219 2.68 17.21 -6.76
CA ALA A 219 2.37 17.96 -5.53
C ALA A 219 1.06 17.50 -4.88
N VAL A 220 0.15 16.91 -5.67
CA VAL A 220 -1.13 16.44 -5.16
C VAL A 220 -1.02 15.06 -4.52
N ILE A 221 0.05 14.33 -4.81
CA ILE A 221 0.23 12.96 -4.31
C ILE A 221 0.84 12.99 -2.92
N ASP A 222 0.10 12.46 -1.93
CA ASP A 222 0.65 12.48 -0.56
C ASP A 222 1.60 11.32 -0.28
N CYS A 223 1.31 10.13 -0.81
CA CYS A 223 2.09 8.94 -0.50
C CYS A 223 2.31 8.14 -1.77
N PHE A 224 3.38 7.35 -1.77
CA PHE A 224 3.54 6.24 -2.68
C PHE A 224 3.25 4.97 -1.88
N ALA A 225 2.62 4.00 -2.52
CA ALA A 225 2.33 2.73 -1.87
C ALA A 225 2.24 1.69 -2.96
N SER A 226 2.68 0.47 -2.69
CA SER A 226 2.88 -0.46 -3.80
C SER A 226 1.58 -1.07 -4.31
N ASP A 227 0.57 -1.23 -3.47
CA ASP A 227 -0.51 -2.18 -3.75
C ASP A 227 0.07 -3.53 -4.18
N HIS A 228 1.09 -3.97 -3.44
CA HIS A 228 1.62 -5.31 -3.62
C HIS A 228 0.49 -6.32 -3.55
N ALA A 229 0.27 -7.00 -4.67
CA ALA A 229 -0.91 -7.87 -4.83
C ALA A 229 -0.44 -9.13 -5.51
N PRO A 230 0.16 -10.04 -4.75
CA PRO A 230 0.80 -11.22 -5.34
C PRO A 230 -0.24 -12.23 -5.80
N HIS A 231 -0.07 -12.66 -7.03
CA HIS A 231 -0.72 -13.80 -7.63
C HIS A 231 0.36 -14.48 -8.46
N THR A 232 0.29 -15.80 -8.57
CA THR A 232 1.29 -16.49 -9.36
C THR A 232 0.96 -16.38 -10.84
N LEU A 233 1.91 -16.79 -11.67
CA LEU A 233 1.71 -16.76 -13.11
C LEU A 233 0.59 -17.70 -13.51
N GLU A 234 0.49 -18.86 -12.84
CA GLU A 234 -0.62 -19.77 -13.09
C GLU A 234 -1.96 -19.03 -13.02
N GLU A 235 -2.09 -18.08 -12.08
CA GLU A 235 -3.34 -17.33 -11.98
C GLU A 235 -3.42 -16.24 -13.04
N LYS A 236 -2.33 -15.48 -13.22
CA LYS A 236 -2.37 -14.32 -14.10
C LYS A 236 -2.56 -14.73 -15.54
N CYS A 237 -2.10 -15.93 -15.91
N CYS A 237 -2.09 -15.92 -15.92
CA CYS A 237 -2.17 -16.42 -17.28
CA CYS A 237 -2.20 -16.40 -17.30
C CYS A 237 -3.33 -17.39 -17.48
C CYS A 237 -3.31 -17.41 -17.48
N GLY A 238 -4.23 -17.51 -16.51
CA GLY A 238 -5.35 -18.43 -16.60
C GLY A 238 -6.61 -17.78 -17.13
N SER A 239 -7.70 -18.56 -17.11
CA SER A 239 -8.92 -18.18 -17.81
C SER A 239 -9.61 -16.97 -17.19
N ARG A 240 -9.41 -16.73 -15.90
CA ARG A 240 -10.04 -15.59 -15.21
C ARG A 240 -8.99 -14.88 -14.38
N PRO A 241 -8.07 -14.17 -15.03
CA PRO A 241 -6.90 -13.63 -14.31
C PRO A 241 -7.34 -12.69 -13.22
N PRO A 242 -6.86 -12.89 -11.98
CA PRO A 242 -7.14 -11.92 -10.94
C PRO A 242 -6.29 -10.68 -11.15
N PRO A 243 -6.77 -9.52 -10.71
CA PRO A 243 -6.00 -8.29 -10.91
C PRO A 243 -4.94 -8.14 -9.84
N GLY A 244 -3.83 -7.55 -10.23
CA GLY A 244 -2.82 -7.14 -9.27
C GLY A 244 -1.41 -7.49 -9.68
N PHE A 245 -0.46 -6.67 -9.20
CA PHE A 245 0.95 -6.86 -9.44
C PHE A 245 1.70 -6.99 -8.12
N PRO A 246 2.73 -7.82 -8.05
CA PRO A 246 3.67 -7.70 -6.93
C PRO A 246 4.46 -6.42 -7.13
N GLY A 247 4.91 -5.83 -6.02
CA GLY A 247 5.59 -4.55 -6.12
C GLY A 247 6.50 -4.10 -5.01
N LEU A 248 6.59 -4.84 -3.89
CA LEU A 248 7.43 -4.39 -2.78
C LEU A 248 8.88 -4.28 -3.18
N GLU A 249 9.40 -5.25 -3.95
CA GLU A 249 10.82 -5.25 -4.24
C GLU A 249 11.22 -4.30 -5.35
N THR A 250 10.27 -3.85 -6.16
CA THR A 250 10.59 -2.95 -7.27
C THR A 250 10.29 -1.49 -6.97
N MET A 251 9.53 -1.17 -5.93
CA MET A 251 9.02 0.18 -5.84
C MET A 251 10.16 1.17 -5.61
N LEU A 252 11.04 0.86 -4.67
CA LEU A 252 12.09 1.80 -4.33
C LEU A 252 13.14 1.91 -5.43
N PRO A 253 13.60 0.82 -6.01
CA PRO A 253 14.50 0.95 -7.17
C PRO A 253 13.90 1.78 -8.30
N LEU A 254 12.59 1.64 -8.58
CA LEU A 254 11.99 2.43 -9.65
C LEU A 254 12.01 3.91 -9.29
N LEU A 255 11.65 4.23 -8.05
CA LEU A 255 11.56 5.62 -7.66
C LEU A 255 12.94 6.26 -7.54
N LEU A 256 13.93 5.50 -7.07
CA LEU A 256 15.29 6.05 -7.01
C LEU A 256 15.83 6.34 -8.40
N THR A 257 15.47 5.52 -9.39
CA THR A 257 15.84 5.81 -10.77
C THR A 257 15.27 7.16 -11.18
N ALA A 258 14.00 7.40 -10.86
CA ALA A 258 13.38 8.69 -11.16
C ALA A 258 14.06 9.85 -10.44
N VAL A 259 14.46 9.64 -9.18
CA VAL A 259 15.22 10.68 -8.49
C VAL A 259 16.51 10.96 -9.24
N SER A 260 17.23 9.89 -9.63
CA SER A 260 18.51 10.08 -10.31
C SER A 260 18.34 10.83 -11.62
N GLU A 261 17.18 10.71 -12.26
CA GLU A 261 16.90 11.40 -13.50
C GLU A 261 16.29 12.77 -13.28
N GLY A 262 16.13 13.20 -12.02
CA GLY A 262 15.60 14.52 -11.74
C GLY A 262 14.11 14.67 -11.93
N ARG A 263 13.36 13.56 -11.92
CA ARG A 263 11.92 13.61 -12.09
C ARG A 263 11.20 14.00 -10.81
N LEU A 264 11.82 13.73 -9.68
CA LEU A 264 11.41 14.22 -8.37
C LEU A 264 12.68 14.20 -7.54
N SER A 265 12.64 14.89 -6.41
CA SER A 265 13.80 14.95 -5.55
C SER A 265 13.79 13.85 -4.51
N LEU A 266 14.94 13.65 -3.85
CA LEU A 266 15.01 12.71 -2.76
C LEU A 266 14.01 13.08 -1.67
N ASP A 267 13.90 14.37 -1.36
CA ASP A 267 12.92 14.81 -0.39
C ASP A 267 11.51 14.46 -0.83
N ASP A 268 11.19 14.69 -2.11
CA ASP A 268 9.84 14.37 -2.58
C ASP A 268 9.54 12.89 -2.33
N LEU A 269 10.54 12.04 -2.58
CA LEU A 269 10.39 10.61 -2.34
C LEU A 269 10.19 10.32 -0.87
N LEU A 270 10.99 10.92 0.01
CA LEU A 270 10.93 10.60 1.43
C LEU A 270 9.69 11.19 2.09
N GLN A 271 9.15 12.30 1.59
CA GLN A 271 7.84 12.71 2.09
C GLN A 271 6.81 11.63 1.81
N ARG A 272 6.88 11.02 0.64
CA ARG A 272 5.83 10.13 0.18
C ARG A 272 5.99 8.69 0.66
N LEU A 273 7.19 8.27 1.09
CA LEU A 273 7.40 6.94 1.63
C LEU A 273 7.76 6.95 3.11
N HIS A 274 7.71 8.09 3.79
CA HIS A 274 8.06 8.11 5.21
C HIS A 274 7.21 9.13 5.97
N HIS A 275 7.39 10.42 5.71
CA HIS A 275 6.75 11.43 6.55
C HIS A 275 5.23 11.47 6.39
N ASN A 276 4.73 11.40 5.14
CA ASN A 276 3.28 11.50 4.98
C ASN A 276 2.57 10.23 5.42
N PRO A 277 3.10 9.02 5.14
CA PRO A 277 2.49 7.84 5.75
C PRO A 277 2.38 7.96 7.26
N ARG A 278 3.45 8.40 7.92
CA ARG A 278 3.41 8.56 9.36
C ARG A 278 2.24 9.43 9.78
N ARG A 279 2.08 10.58 9.12
CA ARG A 279 1.15 11.59 9.61
C ARG A 279 -0.29 11.32 9.23
N ILE A 280 -0.52 10.62 8.14
CA ILE A 280 -1.89 10.33 7.72
C ILE A 280 -2.46 9.18 8.54
N PHE A 281 -1.65 8.18 8.83
CA PHE A 281 -2.09 7.01 9.56
C PHE A 281 -1.63 7.00 11.01
N HIS A 282 -0.97 8.06 11.47
CA HIS A 282 -0.38 8.11 12.81
C HIS A 282 0.37 6.83 13.12
N LEU A 283 1.31 6.56 12.24
CA LEU A 283 2.19 5.42 12.47
C LEU A 283 3.43 5.92 13.23
N PRO A 284 3.86 5.15 14.22
CA PRO A 284 4.92 5.61 15.11
C PRO A 284 6.29 5.51 14.48
N PRO A 285 7.26 6.26 14.99
CA PRO A 285 8.66 6.06 14.58
C PRO A 285 9.15 4.67 14.93
N GLN A 286 10.14 4.21 14.17
CA GLN A 286 10.85 2.98 14.50
C GLN A 286 12.24 3.37 14.95
N GLU A 287 12.57 3.07 16.20
CA GLU A 287 13.87 3.41 16.73
C GLU A 287 14.95 2.63 16.00
N ASP A 288 16.12 3.25 15.85
N ASP A 288 16.13 3.25 15.88
CA ASP A 288 17.32 2.56 15.37
CA ASP A 288 17.32 2.62 15.34
C ASP A 288 17.03 1.80 14.07
C ASP A 288 17.00 1.81 14.09
N THR A 289 16.36 2.48 13.14
CA THR A 289 15.90 1.84 11.91
C THR A 289 16.28 2.73 10.73
N TYR A 290 16.96 2.14 9.75
CA TYR A 290 17.35 2.89 8.57
C TYR A 290 17.65 1.94 7.42
N VAL A 291 17.74 2.52 6.24
CA VAL A 291 17.94 1.79 4.99
C VAL A 291 19.11 2.46 4.28
N GLU A 292 20.06 1.66 3.79
CA GLU A 292 21.19 2.18 3.04
C GLU A 292 21.03 1.75 1.59
N VAL A 293 21.05 2.72 0.67
CA VAL A 293 20.88 2.43 -0.74
C VAL A 293 22.09 2.90 -1.52
N ASP A 294 22.32 2.25 -2.66
CA ASP A 294 23.43 2.51 -3.58
C ASP A 294 22.83 3.06 -4.85
N LEU A 295 23.18 4.29 -5.21
CA LEU A 295 22.62 4.93 -6.39
C LEU A 295 23.52 4.85 -7.61
N GLU A 296 24.65 4.16 -7.52
CA GLU A 296 25.65 4.19 -8.58
C GLU A 296 25.47 3.09 -9.61
N HIS A 297 24.78 2.01 -9.28
CA HIS A 297 24.80 0.82 -10.12
C HIS A 297 23.49 0.62 -10.88
N GLU A 298 23.62 0.47 -12.18
CA GLU A 298 22.50 0.23 -13.07
CA GLU A 298 22.50 0.23 -13.07
C GLU A 298 22.29 -1.27 -13.24
N TRP A 299 21.03 -1.68 -13.19
CA TRP A 299 20.68 -3.08 -13.37
C TRP A 299 19.33 -3.17 -14.04
N THR A 300 19.05 -4.35 -14.59
CA THR A 300 17.81 -4.60 -15.32
C THR A 300 16.91 -5.49 -14.47
N ILE A 301 15.64 -5.11 -14.35
CA ILE A 301 14.72 -5.92 -13.53
CA ILE A 301 14.70 -5.91 -13.56
C ILE A 301 14.55 -7.29 -14.18
N PRO A 302 14.75 -8.38 -13.44
CA PRO A 302 14.66 -9.72 -14.03
C PRO A 302 13.21 -10.21 -14.12
N SER A 303 13.06 -11.45 -14.58
CA SER A 303 11.73 -12.01 -14.78
C SER A 303 10.98 -12.16 -13.48
N HIS A 304 11.68 -12.29 -12.36
CA HIS A 304 11.05 -12.31 -11.05
C HIS A 304 12.04 -11.78 -10.01
N MET A 305 11.53 -11.05 -9.03
CA MET A 305 12.38 -10.63 -7.92
C MET A 305 12.60 -11.80 -6.95
N PRO A 306 13.67 -11.75 -6.15
CA PRO A 306 14.04 -12.94 -5.37
C PRO A 306 13.03 -13.40 -4.35
N PHE A 307 12.27 -12.50 -3.70
CA PHE A 307 11.57 -12.88 -2.48
C PHE A 307 10.08 -13.09 -2.62
N SER A 308 9.36 -12.23 -3.34
CA SER A 308 7.92 -12.40 -3.42
C SER A 308 7.55 -13.74 -4.03
N LYS A 309 6.64 -14.45 -3.38
CA LYS A 309 6.19 -15.72 -3.91
C LYS A 309 5.30 -15.56 -5.14
N ALA A 310 5.00 -14.32 -5.57
CA ALA A 310 4.33 -14.16 -6.86
C ALA A 310 5.20 -14.73 -7.97
N HIS A 311 6.52 -14.58 -7.84
CA HIS A 311 7.48 -15.18 -8.77
C HIS A 311 7.30 -14.67 -10.20
N TRP A 312 6.96 -13.38 -10.31
CA TRP A 312 6.88 -12.68 -11.59
C TRP A 312 6.86 -11.19 -11.29
N THR A 313 7.13 -10.39 -12.32
CA THR A 313 7.00 -8.95 -12.18
C THR A 313 6.66 -8.27 -13.50
N PRO A 314 5.73 -7.31 -13.49
CA PRO A 314 5.41 -6.57 -14.74
C PRO A 314 6.51 -5.60 -15.17
N PHE A 315 7.48 -5.31 -14.30
CA PHE A 315 8.56 -4.38 -14.62
C PHE A 315 9.75 -5.09 -15.25
N GLU A 316 9.64 -6.39 -15.54
CA GLU A 316 10.72 -7.12 -16.17
C GLU A 316 11.24 -6.37 -17.39
N GLY A 317 12.55 -6.17 -17.44
CA GLY A 317 13.21 -5.54 -18.57
C GLY A 317 13.49 -4.06 -18.41
N GLN A 318 12.84 -3.40 -17.47
CA GLN A 318 13.14 -2.00 -17.23
C GLN A 318 14.49 -1.85 -16.56
N LYS A 319 15.23 -0.83 -16.96
CA LYS A 319 16.54 -0.54 -16.39
C LYS A 319 16.36 0.45 -15.23
N VAL A 320 16.96 0.13 -14.10
CA VAL A 320 16.87 0.97 -12.92
C VAL A 320 18.28 1.28 -12.43
N LYS A 321 18.36 2.35 -11.64
CA LYS A 321 19.61 2.81 -11.02
C LYS A 321 19.21 3.10 -9.58
N GLY A 322 19.73 2.32 -8.66
CA GLY A 322 19.24 2.32 -7.29
C GLY A 322 19.07 0.90 -6.75
N THR A 323 19.78 0.61 -5.66
CA THR A 323 19.79 -0.73 -5.09
C THR A 323 19.76 -0.61 -3.57
N VAL A 324 18.90 -1.42 -2.93
CA VAL A 324 18.91 -1.54 -1.48
C VAL A 324 20.09 -2.40 -1.08
N ARG A 325 20.98 -1.86 -0.26
CA ARG A 325 22.16 -2.59 0.20
C ARG A 325 22.00 -3.17 1.60
N ARG A 326 21.43 -2.42 2.53
CA ARG A 326 21.33 -2.86 3.92
C ARG A 326 20.13 -2.21 4.58
N VAL A 327 19.43 -2.98 5.39
CA VAL A 327 18.32 -2.51 6.21
C VAL A 327 18.60 -2.91 7.66
N VAL A 328 18.51 -1.94 8.56
CA VAL A 328 18.60 -2.14 10.00
C VAL A 328 17.23 -1.81 10.57
N LEU A 329 16.65 -2.77 11.29
CA LEU A 329 15.32 -2.60 11.89
C LEU A 329 15.45 -2.77 13.39
N ARG A 330 15.16 -1.69 14.12
CA ARG A 330 15.18 -1.70 15.59
C ARG A 330 16.48 -2.32 16.10
N GLY A 331 17.60 -1.86 15.53
CA GLY A 331 18.92 -2.21 16.02
C GLY A 331 19.50 -3.50 15.50
N GLU A 332 18.78 -4.23 14.64
CA GLU A 332 19.25 -5.51 14.11
C GLU A 332 19.37 -5.43 12.59
N VAL A 333 20.42 -6.03 12.05
CA VAL A 333 20.53 -6.13 10.60
C VAL A 333 19.43 -7.03 10.08
N ALA A 334 18.54 -6.45 9.25
CA ALA A 334 17.41 -7.20 8.71
C ALA A 334 17.63 -7.68 7.28
N TYR A 335 18.49 -7.02 6.53
CA TYR A 335 18.70 -7.37 5.13
C TYR A 335 20.05 -6.83 4.68
N ILE A 336 20.82 -7.68 3.98
CA ILE A 336 22.05 -7.23 3.32
CA ILE A 336 22.03 -7.23 3.32
C ILE A 336 22.13 -7.96 1.98
N ASP A 337 22.21 -7.20 0.89
CA ASP A 337 22.58 -7.69 -0.44
C ASP A 337 21.99 -9.06 -0.78
N GLY A 338 20.67 -9.12 -0.72
CA GLY A 338 19.96 -10.29 -1.18
C GLY A 338 19.67 -11.34 -0.14
N GLN A 339 20.00 -11.08 1.12
CA GLN A 339 19.77 -12.03 2.21
C GLN A 339 18.98 -11.31 3.31
N VAL A 340 17.84 -11.87 3.65
CA VAL A 340 17.11 -11.41 4.83
C VAL A 340 17.68 -12.15 6.05
N LEU A 341 17.89 -11.40 7.13
CA LEU A 341 18.61 -11.88 8.30
C LEU A 341 17.83 -11.76 9.61
N VAL A 342 16.55 -11.41 9.55
CA VAL A 342 15.68 -11.48 10.72
C VAL A 342 14.64 -12.56 10.41
N PRO A 343 14.26 -13.37 11.39
CA PRO A 343 13.39 -14.51 11.12
C PRO A 343 11.92 -14.10 11.12
N PRO A 344 11.05 -14.98 10.66
CA PRO A 344 9.61 -14.73 10.85
C PRO A 344 9.31 -14.53 12.32
N GLY A 345 8.52 -13.49 12.61
CA GLY A 345 8.16 -13.15 13.96
C GLY A 345 8.96 -12.02 14.57
N TYR A 346 10.02 -11.56 13.90
CA TYR A 346 10.74 -10.39 14.38
C TYR A 346 9.86 -9.15 14.33
N GLY A 347 8.95 -9.10 13.37
CA GLY A 347 8.11 -7.93 13.23
C GLY A 347 7.04 -7.83 14.30
N GLN A 348 6.61 -6.59 14.56
CA GLN A 348 5.64 -6.29 15.60
C GLN A 348 4.52 -5.42 15.07
N ASP A 349 3.36 -5.52 15.74
CA ASP A 349 2.18 -4.69 15.45
C ASP A 349 2.38 -3.32 16.08
N VAL A 350 2.55 -2.30 15.23
CA VAL A 350 2.89 -0.98 15.73
C VAL A 350 1.75 -0.32 16.50
N ARG A 351 0.52 -0.79 16.28
CA ARG A 351 -0.61 -0.23 17.01
C ARG A 351 -0.62 -0.63 18.48
N LYS A 352 0.23 -1.56 18.88
CA LYS A 352 0.37 -1.93 20.28
C LYS A 352 1.47 -1.15 21.00
N TRP A 353 2.32 -0.45 20.27
CA TRP A 353 3.33 0.40 20.88
C TRP A 353 2.65 1.61 21.54
N PRO A 354 3.18 2.09 22.66
CA PRO A 354 2.57 3.29 23.27
C PRO A 354 2.48 4.46 22.32
N GLN A 355 3.49 4.63 21.47
CA GLN A 355 3.54 5.73 20.52
CA GLN A 355 3.54 5.72 20.51
C GLN A 355 2.67 5.48 19.29
N GLY A 356 2.12 4.29 19.13
CA GLY A 356 1.37 3.92 17.95
C GLY A 356 -0.14 3.99 18.06
N ALA A 357 -0.69 4.39 19.20
CA ALA A 357 -2.11 4.66 19.28
C ALA A 357 -2.41 6.00 18.61
N VAL A 358 -3.58 6.09 17.99
CA VAL A 358 -4.02 7.34 17.37
C VAL A 358 -4.54 8.25 18.47
N PRO A 359 -4.06 9.49 18.56
CA PRO A 359 -4.56 10.37 19.63
C PRO A 359 -6.05 10.63 19.49
N GLN A 360 -6.73 10.70 20.62
CA GLN A 360 -8.15 11.03 20.63
C GLN A 360 -8.49 11.81 21.88
N LEU A 361 -9.55 12.62 21.78
CA LEU A 361 -10.07 13.30 22.94
C LEU A 361 -10.74 12.28 23.87
N PRO A 362 -10.78 12.56 25.18
CA PRO A 362 -11.42 11.63 26.11
C PRO A 362 -12.92 11.54 25.83
C1 GOL B . 14.61 -15.66 4.42
O1 GOL B . 13.80 -15.21 3.38
C2 GOL B . 15.90 -16.21 3.75
O2 GOL B . 15.61 -16.78 2.51
C3 GOL B . 16.88 -15.00 3.65
O3 GOL B . 17.26 -14.84 2.31
H11 GOL B . 14.19 -16.37 4.95
H12 GOL B . 14.84 -14.96 5.05
H2 GOL B . 16.29 -16.91 4.29
HO2 GOL B . 15.35 -16.15 1.99
H31 GOL B . 17.64 -15.18 4.23
H32 GOL B . 16.44 -14.22 4.02
HO3 GOL B . 16.92 -14.11 2.05
O2 DOR C . -5.23 -5.22 -8.76
C2 DOR C . -5.70 -5.34 -7.66
N1 DOR C . -5.30 -6.40 -6.76
N3 DOR C . -6.77 -4.45 -7.15
C4 DOR C . -7.44 -4.57 -5.91
O4 DOR C . -8.31 -3.80 -5.64
C5 DOR C . -7.04 -5.63 -4.98
C6 DOR C . -5.84 -6.43 -5.38
C7 DOR C . -5.68 -7.88 -4.85
O72 DOR C . -5.99 -8.09 -3.65
O71 DOR C . -5.18 -8.74 -5.60
HN1 DOR C . -4.75 -7.01 -7.04
HN3 DOR C . -7.03 -3.81 -7.67
H51 DOR C . -6.80 -5.19 -4.14
H52 DOR C . -7.78 -6.25 -4.94
H6 DOR C . -5.21 -5.98 -4.80
ZN ZN D . -4.53 -14.81 -6.53
ZN ZN E . -7.47 -1.38 -4.30
ZN ZN F . -4.24 2.20 -0.25
ZN ZN G . 0.45 11.10 14.81
ZN ZN H . -5.04 -3.13 -2.73
ZN ZN I . 27.93 0.21 -5.34
ZN ZN J . 0.38 7.84 18.72
C FMT K . 17.14 7.60 10.10
O1 FMT K . 17.99 8.00 9.30
O2 FMT K . 17.43 6.88 11.07
H FMT K . 16.12 7.93 9.94
C FMT L . -5.66 -15.00 0.08
O1 FMT L . -5.28 -16.17 -0.02
O2 FMT L . -5.85 -14.48 1.16
H FMT L . -5.73 -14.42 -0.84
C FMT M . -8.20 9.42 6.19
O1 FMT M . -8.08 10.63 5.96
O2 FMT M . -8.89 8.99 7.10
H FMT M . -7.67 8.68 5.58
C FMT N . 6.43 12.71 10.50
O1 FMT N . 7.50 12.24 10.08
O2 FMT N . 5.83 12.23 11.48
H FMT N . 5.99 13.57 10.02
C FMT O . 0.07 12.88 16.71
O1 FMT O . -0.45 13.35 15.69
O2 FMT O . 0.56 11.75 16.72
H FMT O . 0.14 13.51 17.59
C FMT P . 1.35 8.60 15.80
O1 FMT P . 1.47 9.44 14.91
O2 FMT P . 0.47 8.66 16.67
H FMT P . 2.06 7.78 15.80
C FMT Q . -0.79 -19.19 4.75
O1 FMT Q . -1.28 -18.09 4.97
O2 FMT Q . -0.51 -19.98 5.66
H FMT Q . -0.57 -19.45 3.71
C FMT R . -6.96 -14.62 -5.93
O1 FMT R . -6.62 -14.85 -7.08
O2 FMT R . -6.90 -13.48 -5.47
H FMT R . -7.29 -15.43 -5.28
C FMT S . 0.75 -15.74 -4.65
O1 FMT S . 1.54 -15.37 -3.79
O2 FMT S . 0.38 -16.92 -4.73
H FMT S . 0.37 -14.99 -5.35
C FMT T . 10.27 -16.41 2.73
O1 FMT T . 11.03 -15.51 2.37
O2 FMT T . 9.69 -16.38 3.84
H FMT T . 10.06 -17.23 2.05
HO2 FMT T . 9.60 -15.53 4.31
C FMT U . -19.36 -9.33 -5.27
O1 FMT U . -19.34 -8.10 -5.19
O2 FMT U . -18.55 -9.96 -5.97
H FMT U . -20.11 -9.91 -4.73
HO2 FMT U . -17.86 -9.48 -6.49
C FMT V . 12.44 2.33 -15.27
O1 FMT V . 11.21 2.65 -15.33
O2 FMT V . 13.14 2.49 -16.30
H FMT V . 12.91 1.90 -14.39
HO2 FMT V . 12.75 2.88 -17.11
#